data_3SIJ
#
_entry.id   3SIJ
#
_cell.length_a   50.100
_cell.length_b   105.430
_cell.length_c   44.220
_cell.angle_alpha   90.000
_cell.angle_beta   90.000
_cell.angle_gamma   90.000
#
_symmetry.space_group_name_H-M   'P 21 21 21'
#
loop_
_entity.id
_entity.type
_entity.pdbx_description
1 polymer 'poly(ADP-ribose) glycohydrolase'
2 water water
#
_entity_poly.entity_id   1
_entity_poly.type   'polypeptide(L)'
_entity_poly.pdbx_seq_one_letter_code
;RHSRRAIAAETVEILERGRYTAPSGRVVPIADHVAQAVRGTRLYRPEKLAVLLEGLGAASDGAPTRIEVTEETTLAAARR
LTGAAGDQVACLNFASAEHPGGGFLSGAHAQEAGLARSSGLYASLRAVPQFYAFHHRQRDPLYSDHLIYSPGVPVFRDDA
GRLLEEPYRVAFLTSPAPNRRAIGDLRTVEEIGRVLRGRAAKVLAAARHHGHRRLVLGAWGCGVFGNDPAQVAETFAGLL
LDGGPFAGRFAHVVFAVWDTAPGAPRHAAFARRFGSL
;
_entity_poly.pdbx_strand_id   A
#
# COMPACT_ATOMS: atom_id res chain seq x y z
N ARG A 1 20.29 5.84 4.70
CA ARG A 1 20.03 5.82 3.27
C ARG A 1 20.84 4.75 2.54
N HIS A 2 22.11 4.62 2.92
CA HIS A 2 22.93 3.54 2.37
C HIS A 2 22.58 2.23 3.08
N SER A 3 22.02 2.35 4.27
CA SER A 3 21.53 1.19 5.00
C SER A 3 20.25 0.65 4.34
N ARG A 4 19.37 1.55 3.92
CA ARG A 4 18.17 1.13 3.20
C ARG A 4 18.58 0.36 1.96
N ARG A 5 19.55 0.91 1.23
CA ARG A 5 20.03 0.26 0.03
C ARG A 5 20.54 -1.15 0.34
N ALA A 6 21.22 -1.29 1.48
CA ALA A 6 21.74 -2.59 1.91
C ALA A 6 20.61 -3.54 2.30
N ILE A 7 19.65 -3.04 3.05
CA ILE A 7 18.47 -3.83 3.43
C ILE A 7 17.70 -4.29 2.20
N ALA A 8 17.52 -3.38 1.23
CA ALA A 8 16.84 -3.73 -0.01
C ALA A 8 17.55 -4.83 -0.78
N ALA A 9 18.86 -4.71 -0.92
CA ALA A 9 19.64 -5.73 -1.63
C ALA A 9 19.54 -7.08 -0.94
N GLU A 10 19.57 -7.05 0.38
CA GLU A 10 19.50 -8.26 1.18
C GLU A 10 18.11 -8.89 1.05
N THR A 11 17.08 -8.04 1.05
CA THR A 11 15.72 -8.53 0.87
C THR A 11 15.58 -9.23 -0.47
N VAL A 12 16.15 -8.62 -1.51
CA VAL A 12 16.13 -9.23 -2.84
C VAL A 12 16.86 -10.58 -2.93
N GLU A 13 18.00 -10.71 -2.24
CA GLU A 13 18.69 -12.00 -2.22
C GLU A 13 17.86 -13.04 -1.47
N ILE A 14 17.19 -12.59 -0.42
CA ILE A 14 16.30 -13.46 0.34
C ILE A 14 15.19 -13.98 -0.56
N LEU A 15 14.59 -13.08 -1.35
CA LEU A 15 13.54 -13.48 -2.29
C LEU A 15 14.09 -14.47 -3.34
N GLU A 16 15.34 -14.30 -3.77
CA GLU A 16 15.95 -15.25 -4.69
C GLU A 16 16.28 -16.58 -3.99
N ARG A 17 16.79 -16.51 -2.77
CA ARG A 17 17.23 -17.71 -2.05
C ARG A 17 16.04 -18.52 -1.51
N GLY A 18 14.96 -17.84 -1.16
CA GLY A 18 13.77 -18.51 -0.68
C GLY A 18 13.79 -18.78 0.81
N ARG A 19 14.76 -18.22 1.51
CA ARG A 19 14.84 -18.39 2.95
C ARG A 19 15.71 -17.30 3.56
N TYR A 20 15.53 -17.07 4.85
CA TYR A 20 16.38 -16.12 5.57
C TYR A 20 16.73 -16.63 6.95
N THR A 21 17.66 -15.94 7.61
CA THR A 21 18.05 -16.30 8.97
C THR A 21 17.52 -15.25 9.96
N ALA A 22 16.72 -15.70 10.91
CA ALA A 22 16.19 -14.84 11.97
C ALA A 22 17.27 -14.53 13.01
N PRO A 23 17.01 -13.51 13.87
CA PRO A 23 17.95 -13.15 14.94
C PRO A 23 18.32 -14.31 15.87
N SER A 24 17.42 -15.28 16.03
CA SER A 24 17.67 -16.45 16.87
C SER A 24 18.54 -17.50 16.17
N GLY A 25 18.83 -17.28 14.89
CA GLY A 25 19.56 -18.25 14.10
C GLY A 25 18.67 -19.21 13.34
N ARG A 26 17.38 -19.25 13.72
CA ARG A 26 16.41 -20.04 12.97
C ARG A 26 16.38 -19.67 11.49
N VAL A 27 16.44 -20.67 10.62
CA VAL A 27 16.36 -20.41 9.19
C VAL A 27 14.88 -20.54 8.79
N VAL A 28 14.34 -19.45 8.23
CA VAL A 28 12.91 -19.37 7.93
C VAL A 28 12.66 -19.52 6.43
N PRO A 29 11.82 -20.49 6.02
CA PRO A 29 11.57 -20.62 4.58
C PRO A 29 10.43 -19.71 4.13
N ILE A 30 10.58 -19.05 2.97
CA ILE A 30 9.50 -18.22 2.44
C ILE A 30 9.22 -18.47 0.96
N ALA A 31 10.01 -19.34 0.33
CA ALA A 31 9.90 -19.62 -1.10
C ALA A 31 8.47 -19.97 -1.56
N ASP A 32 7.82 -20.86 -0.81
CA ASP A 32 6.48 -21.30 -1.18
C ASP A 32 5.49 -20.14 -1.15
N HIS A 33 5.53 -19.37 -0.06
CA HIS A 33 4.59 -18.27 0.09
C HIS A 33 4.82 -17.17 -0.92
N VAL A 34 6.09 -16.88 -1.21
CA VAL A 34 6.43 -15.89 -2.23
C VAL A 34 5.88 -16.33 -3.58
N ALA A 35 6.15 -17.58 -3.92
CA ALA A 35 5.67 -18.17 -5.18
C ALA A 35 4.14 -18.14 -5.26
N GLN A 36 3.46 -18.44 -4.17
CA GLN A 36 2.01 -18.36 -4.19
C GLN A 36 1.55 -16.93 -4.42
N ALA A 37 2.17 -15.97 -3.75
CA ALA A 37 1.76 -14.57 -3.90
C ALA A 37 1.92 -14.12 -5.35
N VAL A 38 3.06 -14.45 -5.94
CA VAL A 38 3.34 -14.06 -7.30
C VAL A 38 2.34 -14.69 -8.28
N ARG A 39 2.08 -15.98 -8.11
CA ARG A 39 1.17 -16.69 -9.01
C ARG A 39 -0.25 -16.18 -8.84
N GLY A 40 -0.55 -15.62 -7.67
CA GLY A 40 -1.89 -15.12 -7.37
C GLY A 40 -2.06 -13.62 -7.65
N THR A 41 -0.99 -12.98 -8.11
CA THR A 41 -1.03 -11.55 -8.37
C THR A 41 -1.86 -11.26 -9.62
N ARG A 42 -2.72 -10.26 -9.53
CA ARG A 42 -3.60 -9.89 -10.63
C ARG A 42 -3.55 -8.39 -10.93
N LEU A 43 -3.58 -8.07 -12.22
CA LEU A 43 -3.68 -6.68 -12.66
C LEU A 43 -5.15 -6.39 -12.94
N TYR A 44 -5.68 -5.34 -12.33
CA TYR A 44 -7.04 -4.89 -12.61
C TYR A 44 -7.00 -3.61 -13.42
N ARG A 45 -7.68 -3.63 -14.56
CA ARG A 45 -7.78 -2.45 -15.40
C ARG A 45 -8.91 -1.57 -14.87
N PRO A 46 -8.83 -0.26 -15.13
CA PRO A 46 -9.82 0.69 -14.61
C PRO A 46 -11.25 0.23 -14.81
N GLU A 47 -11.58 -0.24 -16.02
CA GLU A 47 -12.97 -0.60 -16.31
C GLU A 47 -13.40 -1.90 -15.64
N LYS A 48 -12.45 -2.78 -15.32
CA LYS A 48 -12.75 -3.95 -14.50
C LYS A 48 -13.11 -3.57 -13.06
N LEU A 49 -12.38 -2.62 -12.50
CA LEU A 49 -12.68 -2.17 -11.15
C LEU A 49 -14.03 -1.47 -11.14
N ALA A 50 -14.31 -0.73 -12.21
CA ALA A 50 -15.57 0.00 -12.32
C ALA A 50 -16.72 -0.99 -12.19
N VAL A 51 -16.54 -2.15 -12.80
CA VAL A 51 -17.53 -3.22 -12.70
C VAL A 51 -17.69 -3.73 -11.27
N LEU A 52 -16.58 -3.85 -10.54
CA LEU A 52 -16.66 -4.23 -9.11
C LEU A 52 -17.42 -3.21 -8.27
N LEU A 53 -17.36 -1.94 -8.68
CA LEU A 53 -18.08 -0.85 -7.99
C LEU A 53 -19.57 -0.88 -8.28
N GLU A 54 -19.94 -1.28 -9.49
CA GLU A 54 -21.36 -1.37 -9.87
C GLU A 54 -22.06 -2.51 -9.14
N GLY A 55 -21.27 -3.43 -8.59
CA GLY A 55 -21.82 -4.54 -7.84
C GLY A 55 -22.05 -4.15 -6.38
N THR A 65 -18.33 -0.41 11.77
CA THR A 65 -16.92 -0.41 11.39
C THR A 65 -16.04 0.25 12.44
N ARG A 66 -15.02 -0.47 12.90
CA ARG A 66 -14.01 0.12 13.77
C ARG A 66 -13.04 0.93 12.92
N ILE A 67 -12.87 2.20 13.25
CA ILE A 67 -11.91 3.04 12.53
C ILE A 67 -10.92 3.66 13.50
N GLU A 68 -9.63 3.40 13.27
CA GLU A 68 -8.56 3.89 14.12
C GLU A 68 -7.62 4.76 13.32
N VAL A 69 -7.10 5.82 13.94
CA VAL A 69 -5.98 6.58 13.38
C VAL A 69 -4.78 6.43 14.31
N THR A 70 -3.64 6.01 13.76
CA THR A 70 -2.47 5.75 14.59
C THR A 70 -1.19 6.28 13.96
N GLU A 71 -0.12 6.32 14.75
CA GLU A 71 1.18 6.75 14.26
C GLU A 71 2.00 5.56 13.76
N GLU A 72 1.35 4.42 13.62
CA GLU A 72 2.03 3.21 13.18
C GLU A 72 2.47 3.32 11.73
N THR A 73 3.51 2.57 11.38
CA THR A 73 3.80 2.30 9.98
C THR A 73 2.70 1.38 9.45
N THR A 74 2.59 1.30 8.13
CA THR A 74 1.61 0.42 7.50
C THR A 74 1.77 -1.02 8.01
N LEU A 75 2.99 -1.53 7.99
CA LEU A 75 3.23 -2.91 8.41
C LEU A 75 3.08 -3.14 9.93
N ALA A 76 3.41 -2.14 10.73
CA ALA A 76 3.16 -2.23 12.16
C ALA A 76 1.67 -2.42 12.43
N ALA A 77 0.82 -1.62 11.79
CA ALA A 77 -0.62 -1.79 11.92
C ALA A 77 -1.08 -3.18 11.40
N ALA A 78 -0.54 -3.61 10.27
CA ALA A 78 -0.91 -4.89 9.69
C ALA A 78 -0.57 -6.02 10.65
N ARG A 79 0.60 -5.91 11.26
CA ARG A 79 1.07 -6.97 12.13
C ARG A 79 0.25 -7.05 13.41
N ARG A 80 -0.19 -5.89 13.91
CA ARG A 80 -1.04 -5.84 15.09
C ARG A 80 -2.39 -6.48 14.81
N LEU A 81 -3.01 -6.10 13.69
CA LEU A 81 -4.29 -6.72 13.33
C LEU A 81 -4.14 -8.21 13.05
N THR A 82 -3.02 -8.59 12.43
CA THR A 82 -2.85 -9.99 12.04
C THR A 82 -2.72 -10.89 13.27
N GLY A 83 -2.07 -10.39 14.30
CA GLY A 83 -1.97 -11.14 15.55
C GLY A 83 -3.30 -11.29 16.27
N ALA A 84 -4.29 -10.48 15.91
CA ALA A 84 -5.55 -10.42 16.68
C ALA A 84 -6.70 -11.23 16.09
N ALA A 85 -6.58 -11.64 14.83
CA ALA A 85 -7.59 -12.51 14.24
C ALA A 85 -7.05 -13.09 12.94
N GLY A 86 -7.63 -14.22 12.51
CA GLY A 86 -7.05 -15.00 11.43
C GLY A 86 -7.38 -14.60 10.00
N ASP A 87 -8.22 -13.59 9.80
CA ASP A 87 -8.51 -13.15 8.44
C ASP A 87 -7.39 -12.25 7.94
N GLN A 88 -6.97 -12.50 6.70
CA GLN A 88 -5.83 -11.79 6.12
C GLN A 88 -6.15 -10.31 5.91
N VAL A 89 -5.27 -9.45 6.39
CA VAL A 89 -5.42 -8.01 6.30
C VAL A 89 -5.01 -7.53 4.91
N ALA A 90 -5.67 -6.50 4.39
CA ALA A 90 -5.24 -5.87 3.15
C ALA A 90 -4.60 -4.51 3.43
N CYS A 91 -3.47 -4.24 2.77
CA CYS A 91 -2.75 -2.99 2.94
C CYS A 91 -2.65 -2.21 1.64
N LEU A 92 -2.95 -0.92 1.69
CA LEU A 92 -2.76 -0.06 0.54
C LEU A 92 -1.29 0.31 0.39
N ASN A 93 -0.69 -0.05 -0.76
CA ASN A 93 0.65 0.39 -1.13
C ASN A 93 0.59 1.71 -1.91
N PHE A 94 1.26 2.74 -1.40
CA PHE A 94 1.21 4.06 -2.03
C PHE A 94 2.14 4.00 -3.22
N ALA A 95 1.64 3.40 -4.30
CA ALA A 95 2.47 2.97 -5.42
C ALA A 95 3.16 4.07 -6.19
N SER A 96 4.37 3.78 -6.63
CA SER A 96 4.97 4.50 -7.73
C SER A 96 4.27 3.99 -8.98
N ALA A 97 3.99 4.86 -9.92
CA ALA A 97 3.32 4.46 -11.16
C ALA A 97 4.31 3.87 -12.16
N GLU A 98 5.59 4.18 -11.97
CA GLU A 98 6.61 3.83 -12.96
C GLU A 98 7.62 2.77 -12.51
N HIS A 99 7.81 2.64 -11.19
CA HIS A 99 8.84 1.74 -10.68
C HIS A 99 8.32 0.84 -9.57
N PRO A 100 8.33 -0.48 -9.80
CA PRO A 100 7.87 -1.44 -8.78
C PRO A 100 8.76 -1.41 -7.55
N GLY A 101 8.18 -1.13 -6.39
CA GLY A 101 8.94 -0.99 -5.17
C GLY A 101 9.41 0.44 -4.96
N GLY A 102 8.95 1.32 -5.85
CA GLY A 102 9.40 2.70 -5.84
C GLY A 102 10.91 2.77 -6.00
N GLY A 103 11.56 3.48 -5.10
CA GLY A 103 13.00 3.62 -5.22
C GLY A 103 13.80 2.71 -4.29
N PHE A 104 13.16 1.69 -3.73
CA PHE A 104 13.77 0.94 -2.63
C PHE A 104 15.21 0.44 -2.87
N LEU A 105 15.52 -0.09 -4.06
CA LEU A 105 16.86 -0.60 -4.33
C LEU A 105 17.91 0.51 -4.43
N SER A 106 17.46 1.73 -4.71
CA SER A 106 18.33 2.90 -4.70
C SER A 106 18.48 3.44 -3.28
N GLY A 107 17.63 2.95 -2.39
CA GLY A 107 17.65 3.39 -1.00
C GLY A 107 16.63 4.47 -0.70
N ALA A 108 15.62 4.59 -1.56
CA ALA A 108 14.59 5.62 -1.39
C ALA A 108 13.83 5.49 -0.08
N HIS A 109 13.40 6.63 0.44
CA HIS A 109 12.65 6.68 1.69
C HIS A 109 11.20 7.01 1.40
N ALA A 110 10.38 5.97 1.36
CA ALA A 110 8.99 6.13 0.96
C ALA A 110 8.18 4.96 1.49
N GLN A 111 6.89 5.16 1.65
CA GLN A 111 6.04 4.10 2.16
C GLN A 111 6.23 2.82 1.35
N GLU A 112 6.16 2.92 0.03
CA GLU A 112 6.29 1.73 -0.82
C GLU A 112 7.65 1.05 -0.69
N ALA A 113 8.72 1.84 -0.57
CA ALA A 113 10.06 1.28 -0.45
C ALA A 113 10.17 0.48 0.83
N GLY A 114 9.55 0.99 1.88
CA GLY A 114 9.55 0.31 3.16
C GLY A 114 8.86 -1.04 3.06
N LEU A 115 7.75 -1.09 2.30
CA LEU A 115 7.06 -2.35 2.06
C LEU A 115 7.95 -3.31 1.30
N ALA A 116 8.61 -2.80 0.26
CA ALA A 116 9.48 -3.61 -0.59
C ALA A 116 10.70 -4.15 0.15
N ARG A 117 11.22 -3.38 1.10
CA ARG A 117 12.33 -3.83 1.93
C ARG A 117 11.90 -4.89 2.96
N SER A 118 10.62 -4.89 3.32
CA SER A 118 10.16 -5.68 4.47
C SER A 118 9.39 -6.93 4.12
N SER A 119 9.18 -7.18 2.83
CA SER A 119 8.21 -8.20 2.43
C SER A 119 8.53 -8.77 1.08
N GLY A 120 7.64 -9.65 0.60
CA GLY A 120 7.77 -10.23 -0.72
C GLY A 120 7.15 -9.36 -1.81
N LEU A 121 6.74 -8.15 -1.43
CA LEU A 121 5.98 -7.31 -2.36
C LEU A 121 6.67 -7.12 -3.73
N TYR A 122 7.96 -6.86 -3.73
CA TYR A 122 8.67 -6.62 -5.00
C TYR A 122 8.60 -7.82 -5.94
N ALA A 123 8.61 -9.03 -5.39
CA ALA A 123 8.51 -10.20 -6.25
C ALA A 123 7.16 -10.23 -6.98
N SER A 124 6.11 -9.77 -6.30
CA SER A 124 4.80 -9.65 -6.92
C SER A 124 4.74 -8.53 -7.96
N LEU A 125 5.16 -7.32 -7.56
CA LEU A 125 5.06 -6.16 -8.45
C LEU A 125 5.91 -6.29 -9.69
N ARG A 126 7.13 -6.81 -9.54
CA ARG A 126 8.02 -6.91 -10.70
C ARG A 126 7.43 -7.86 -11.74
N ALA A 127 6.50 -8.71 -11.30
CA ALA A 127 5.81 -9.63 -12.20
C ALA A 127 4.65 -9.01 -13.00
N VAL A 128 4.44 -7.70 -12.86
CA VAL A 128 3.32 -7.07 -13.58
C VAL A 128 3.81 -5.91 -14.44
N PRO A 129 4.71 -6.20 -15.40
CA PRO A 129 5.30 -5.09 -16.17
C PRO A 129 4.25 -4.26 -16.92
N GLN A 130 3.10 -4.86 -17.24
CA GLN A 130 2.06 -4.16 -18.00
C GLN A 130 1.59 -2.90 -17.28
N PHE A 131 1.60 -2.94 -15.96
CA PHE A 131 1.15 -1.83 -15.14
C PHE A 131 2.10 -0.66 -15.34
N TYR A 132 3.39 -0.96 -15.25
CA TYR A 132 4.43 0.05 -15.30
C TYR A 132 4.62 0.58 -16.73
N ALA A 133 4.64 -0.33 -17.70
CA ALA A 133 4.71 0.08 -19.11
C ALA A 133 3.57 1.01 -19.50
N PHE A 134 2.36 0.71 -19.02
CA PHE A 134 1.21 1.58 -19.29
C PHE A 134 1.45 3.02 -18.83
N HIS A 135 1.87 3.22 -17.59
CA HIS A 135 2.11 4.57 -17.08
C HIS A 135 3.33 5.25 -17.71
N HIS A 136 4.35 4.47 -18.06
CA HIS A 136 5.49 5.00 -18.78
C HIS A 136 5.10 5.65 -20.10
N ARG A 137 4.21 4.97 -20.82
CA ARG A 137 3.78 5.44 -22.14
C ARG A 137 2.81 6.58 -21.99
N GLN A 138 2.07 6.57 -20.88
CA GLN A 138 1.04 7.58 -20.63
C GLN A 138 1.67 8.96 -20.38
N ARG A 139 2.68 9.02 -19.51
CA ARG A 139 3.37 10.27 -19.24
C ARG A 139 2.41 11.35 -18.74
N ASP A 140 1.44 10.95 -17.92
CA ASP A 140 0.44 11.85 -17.37
C ASP A 140 0.38 11.65 -15.86
N PRO A 141 0.72 12.69 -15.10
CA PRO A 141 0.88 12.57 -13.65
C PRO A 141 -0.42 12.27 -12.88
N LEU A 142 -1.56 12.24 -13.56
CA LEU A 142 -2.81 11.77 -12.93
C LEU A 142 -2.79 10.25 -12.81
N TYR A 143 -1.93 9.64 -13.61
CA TYR A 143 -1.84 8.19 -13.74
C TYR A 143 -3.20 7.58 -14.09
N SER A 144 -3.52 6.45 -13.48
CA SER A 144 -4.73 5.74 -13.85
C SER A 144 -5.26 4.93 -12.69
N ASP A 145 -6.43 4.35 -12.88
CA ASP A 145 -7.07 3.53 -11.86
C ASP A 145 -6.58 2.08 -11.89
N HIS A 146 -5.54 1.77 -12.68
CA HIS A 146 -5.00 0.41 -12.69
C HIS A 146 -4.61 0.02 -11.28
N LEU A 147 -4.84 -1.23 -10.91
CA LEU A 147 -4.52 -1.66 -9.56
C LEU A 147 -3.93 -3.06 -9.62
N ILE A 148 -2.88 -3.31 -8.83
CA ILE A 148 -2.33 -4.66 -8.72
C ILE A 148 -2.74 -5.24 -7.37
N TYR A 149 -3.33 -6.43 -7.41
CA TYR A 149 -3.75 -7.12 -6.21
C TYR A 149 -2.75 -8.23 -5.93
N SER A 150 -2.12 -8.19 -4.75
CA SER A 150 -1.09 -9.17 -4.41
C SER A 150 -1.51 -9.92 -3.15
N PRO A 151 -1.99 -11.16 -3.30
CA PRO A 151 -2.51 -11.92 -2.16
C PRO A 151 -1.42 -12.65 -1.39
N GLY A 152 -1.54 -12.72 -0.07
CA GLY A 152 -0.70 -13.60 0.72
C GLY A 152 0.80 -13.28 0.64
N VAL A 153 1.14 -12.01 0.49
CA VAL A 153 2.55 -11.63 0.47
C VAL A 153 3.18 -11.80 1.85
N PRO A 154 4.25 -12.60 1.94
CA PRO A 154 4.88 -12.74 3.26
C PRO A 154 5.62 -11.47 3.68
N VAL A 155 5.49 -11.13 4.96
CA VAL A 155 6.19 -10.00 5.53
C VAL A 155 7.15 -10.58 6.55
N PHE A 156 8.38 -10.09 6.58
CA PHE A 156 9.39 -10.75 7.39
C PHE A 156 10.41 -9.79 8.02
N ARG A 157 10.12 -8.50 7.97
CA ARG A 157 10.93 -7.52 8.70
C ARG A 157 10.03 -6.64 9.56
N ASP A 158 10.59 -6.12 10.64
CA ASP A 158 9.86 -5.16 11.46
C ASP A 158 10.32 -3.75 11.07
N ASP A 159 9.80 -2.74 11.76
CA ASP A 159 10.08 -1.35 11.38
C ASP A 159 11.57 -1.01 11.35
N ALA A 160 12.35 -1.62 12.23
CA ALA A 160 13.76 -1.27 12.36
C ALA A 160 14.59 -2.04 11.34
N GLY A 161 13.94 -2.91 10.58
CA GLY A 161 14.64 -3.70 9.58
C GLY A 161 15.09 -5.07 10.06
N ARG A 162 14.75 -5.41 11.30
CA ARG A 162 15.09 -6.72 11.86
C ARG A 162 14.25 -7.82 11.21
N LEU A 163 14.90 -8.91 10.83
CA LEU A 163 14.17 -10.07 10.32
C LEU A 163 13.34 -10.70 11.43
N LEU A 164 12.17 -11.23 11.08
CA LEU A 164 11.23 -11.73 12.08
C LEU A 164 11.41 -13.22 12.32
N GLU A 165 11.30 -13.62 13.59
CA GLU A 165 11.27 -15.04 13.93
C GLU A 165 10.11 -15.71 13.22
N GLU A 166 9.00 -14.99 13.09
CA GLU A 166 7.80 -15.54 12.50
C GLU A 166 7.20 -14.58 11.47
N PRO A 167 7.36 -14.89 10.19
CA PRO A 167 6.78 -14.03 9.16
C PRO A 167 5.25 -14.11 9.22
N TYR A 168 4.58 -13.10 8.67
CA TYR A 168 3.13 -13.18 8.51
C TYR A 168 2.78 -12.79 7.08
N ARG A 169 1.50 -12.86 6.73
CA ARG A 169 1.13 -12.58 5.35
C ARG A 169 0.03 -11.54 5.33
N VAL A 170 0.09 -10.65 4.34
CA VAL A 170 -0.95 -9.65 4.13
C VAL A 170 -1.22 -9.57 2.63
N ALA A 171 -2.37 -9.03 2.26
CA ALA A 171 -2.61 -8.76 0.83
C ALA A 171 -2.23 -7.32 0.60
N PHE A 172 -1.59 -7.03 -0.53
CA PHE A 172 -1.32 -5.63 -0.89
C PHE A 172 -2.23 -5.18 -2.01
N LEU A 173 -2.64 -3.93 -1.96
CA LEU A 173 -3.35 -3.29 -3.06
C LEU A 173 -2.47 -2.14 -3.53
N THR A 174 -2.06 -2.19 -4.79
CA THR A 174 -1.07 -1.24 -5.31
C THR A 174 -1.75 -0.34 -6.33
N SER A 175 -1.85 0.93 -5.96
CA SER A 175 -2.55 1.90 -6.79
C SER A 175 -1.88 3.26 -6.62
N PRO A 176 -1.57 3.93 -7.73
CA PRO A 176 -0.80 5.17 -7.59
C PRO A 176 -1.70 6.38 -7.41
N ALA A 177 -1.42 7.19 -6.40
CA ALA A 177 -2.11 8.46 -6.24
C ALA A 177 -1.62 9.41 -7.33
N PRO A 178 -2.42 10.43 -7.67
CA PRO A 178 -2.00 11.42 -8.66
C PRO A 178 -0.73 12.10 -8.19
N ASN A 179 0.20 12.35 -9.10
CA ASN A 179 1.40 13.11 -8.79
C ASN A 179 1.08 14.59 -8.83
N ARG A 180 0.47 15.07 -7.74
CA ARG A 180 -0.01 16.46 -7.66
C ARG A 180 1.13 17.48 -7.74
N ARG A 181 2.34 17.05 -7.38
CA ARG A 181 3.52 17.91 -7.48
C ARG A 181 3.80 18.32 -8.92
N ALA A 182 3.64 17.36 -9.85
CA ALA A 182 3.91 17.62 -11.26
C ALA A 182 2.76 18.35 -11.94
N ILE A 183 1.55 18.15 -11.43
CA ILE A 183 0.35 18.78 -11.97
C ILE A 183 0.30 20.27 -11.60
N GLY A 184 0.70 20.59 -10.38
CA GLY A 184 0.61 21.95 -9.88
C GLY A 184 -0.81 22.44 -9.87
N ASP A 185 -1.01 23.70 -10.27
CA ASP A 185 -2.35 24.27 -10.29
C ASP A 185 -3.00 24.08 -11.66
N LEU A 186 -2.42 23.20 -12.48
CA LEU A 186 -2.91 23.02 -13.85
C LEU A 186 -4.12 22.10 -13.94
N ARG A 187 -4.53 21.54 -12.80
CA ARG A 187 -5.85 20.92 -12.66
C ARG A 187 -6.45 21.43 -11.34
N THR A 188 -7.78 21.51 -11.27
CA THR A 188 -8.41 22.10 -10.09
C THR A 188 -8.36 21.16 -8.90
N VAL A 189 -8.49 21.73 -7.71
CA VAL A 189 -8.63 20.97 -6.48
C VAL A 189 -9.75 19.94 -6.61
N GLU A 190 -10.84 20.35 -7.25
CA GLU A 190 -12.01 19.48 -7.45
C GLU A 190 -11.78 18.31 -8.40
N GLU A 191 -11.05 18.54 -9.50
CA GLU A 191 -10.68 17.48 -10.43
C GLU A 191 -9.83 16.42 -9.74
N ILE A 192 -8.81 16.89 -9.02
CA ILE A 192 -7.94 16.00 -8.27
C ILE A 192 -8.75 15.23 -7.25
N GLY A 193 -9.65 15.92 -6.56
CA GLY A 193 -10.51 15.26 -5.60
C GLY A 193 -11.38 14.19 -6.24
N ARG A 194 -11.85 14.46 -7.45
CA ARG A 194 -12.71 13.52 -8.17
C ARG A 194 -11.92 12.28 -8.62
N VAL A 195 -10.68 12.50 -9.05
CA VAL A 195 -9.79 11.40 -9.39
C VAL A 195 -9.48 10.53 -8.17
N LEU A 196 -9.12 11.19 -7.08
CA LEU A 196 -8.85 10.52 -5.82
C LEU A 196 -10.04 9.67 -5.36
N ARG A 197 -11.22 10.25 -5.40
CA ARG A 197 -12.40 9.57 -4.87
C ARG A 197 -12.72 8.35 -5.74
N GLY A 198 -12.69 8.53 -7.05
CA GLY A 198 -12.90 7.42 -7.97
C GLY A 198 -11.89 6.30 -7.80
N ARG A 199 -10.61 6.66 -7.63
CA ARG A 199 -9.57 5.65 -7.48
C ARG A 199 -9.63 4.94 -6.11
N ALA A 200 -9.82 5.73 -5.06
CA ALA A 200 -10.00 5.13 -3.74
C ALA A 200 -11.21 4.18 -3.71
N ALA A 201 -12.29 4.55 -4.38
CA ALA A 201 -13.48 3.67 -4.41
C ALA A 201 -13.12 2.32 -5.00
N LYS A 202 -12.31 2.35 -6.05
CA LYS A 202 -11.89 1.13 -6.74
C LYS A 202 -10.96 0.27 -5.88
N VAL A 203 -10.08 0.93 -5.12
CA VAL A 203 -9.23 0.22 -4.17
C VAL A 203 -10.07 -0.51 -3.13
N LEU A 204 -11.03 0.20 -2.52
CA LEU A 204 -11.91 -0.40 -1.53
C LEU A 204 -12.78 -1.51 -2.14
N ALA A 205 -13.27 -1.27 -3.36
CA ALA A 205 -14.01 -2.32 -4.09
C ALA A 205 -13.17 -3.58 -4.30
N ALA A 206 -11.92 -3.42 -4.74
CA ALA A 206 -11.07 -4.61 -4.94
C ALA A 206 -10.80 -5.33 -3.62
N ALA A 207 -10.56 -4.57 -2.56
CA ALA A 207 -10.30 -5.19 -1.26
C ALA A 207 -11.52 -6.01 -0.81
N ARG A 208 -12.70 -5.39 -0.86
CA ARG A 208 -13.93 -6.05 -0.44
C ARG A 208 -14.24 -7.29 -1.30
N HIS A 209 -14.03 -7.14 -2.61
CA HIS A 209 -14.23 -8.22 -3.57
C HIS A 209 -13.40 -9.45 -3.23
N HIS A 210 -12.17 -9.22 -2.78
CA HIS A 210 -11.28 -10.32 -2.41
C HIS A 210 -11.43 -10.78 -0.96
N GLY A 211 -12.53 -10.40 -0.32
CA GLY A 211 -12.86 -10.90 1.00
C GLY A 211 -12.17 -10.24 2.19
N HIS A 212 -11.50 -9.12 1.96
CA HIS A 212 -10.79 -8.46 3.06
C HIS A 212 -11.74 -7.57 3.84
N ARG A 213 -11.88 -7.86 5.12
CA ARG A 213 -12.77 -7.08 5.97
C ARG A 213 -11.99 -6.06 6.79
N ARG A 214 -10.68 -6.19 6.80
CA ARG A 214 -9.83 -5.31 7.57
C ARG A 214 -8.73 -4.73 6.68
N LEU A 215 -8.56 -3.42 6.78
CA LEU A 215 -7.74 -2.66 5.84
C LEU A 215 -6.77 -1.78 6.59
N VAL A 216 -5.56 -1.65 6.07
CA VAL A 216 -4.65 -0.62 6.53
C VAL A 216 -4.46 0.42 5.42
N LEU A 217 -4.97 1.63 5.68
CA LEU A 217 -4.88 2.74 4.74
C LEU A 217 -3.95 3.80 5.37
N GLY A 218 -3.94 5.00 4.81
CA GLY A 218 -3.04 6.03 5.34
C GLY A 218 -3.03 7.23 4.44
N ALA A 219 -2.01 8.08 4.61
CA ALA A 219 -1.87 9.32 3.85
C ALA A 219 -1.37 9.04 2.43
N TRP A 220 -2.15 8.27 1.68
CA TRP A 220 -1.88 7.90 0.29
C TRP A 220 -1.52 9.10 -0.58
N GLY A 221 -0.33 9.07 -1.16
CA GLY A 221 0.09 10.09 -2.11
C GLY A 221 0.55 11.40 -1.48
N CYS A 222 0.78 11.39 -0.18
CA CYS A 222 1.13 12.62 0.53
C CYS A 222 2.61 12.75 0.83
N GLY A 223 3.42 11.92 0.18
CA GLY A 223 4.86 12.04 0.29
C GLY A 223 5.40 12.96 -0.79
N VAL A 224 6.19 12.39 -1.69
CA VAL A 224 6.75 13.11 -2.82
C VAL A 224 5.67 13.64 -3.74
N PHE A 225 4.60 12.86 -3.92
CA PHE A 225 3.55 13.22 -4.87
C PHE A 225 2.83 14.52 -4.51
N GLY A 226 2.94 14.93 -3.25
CA GLY A 226 2.44 16.22 -2.82
C GLY A 226 0.92 16.39 -2.74
N ASN A 227 0.21 15.30 -2.47
CA ASN A 227 -1.21 15.45 -2.23
C ASN A 227 -1.47 16.12 -0.88
N ASP A 228 -2.64 16.73 -0.78
CA ASP A 228 -3.08 17.39 0.43
C ASP A 228 -3.68 16.35 1.37
N PRO A 229 -3.03 16.11 2.52
CA PRO A 229 -3.46 15.09 3.49
C PRO A 229 -4.91 15.27 3.87
N ALA A 230 -5.34 16.53 4.00
CA ALA A 230 -6.72 16.81 4.36
C ALA A 230 -7.67 16.34 3.25
N GLN A 231 -7.28 16.55 2.00
CA GLN A 231 -8.13 16.13 0.89
C GLN A 231 -8.18 14.60 0.79
N VAL A 232 -7.05 13.96 1.05
CA VAL A 232 -7.00 12.51 1.07
C VAL A 232 -7.86 11.95 2.20
N ALA A 233 -7.72 12.51 3.41
CA ALA A 233 -8.55 12.07 4.53
C ALA A 233 -10.03 12.22 4.19
N GLU A 234 -10.40 13.32 3.55
CA GLU A 234 -11.79 13.58 3.23
C GLU A 234 -12.29 12.62 2.16
N THR A 235 -11.41 12.25 1.24
CA THR A 235 -11.75 11.28 0.20
C THR A 235 -12.19 9.98 0.85
N PHE A 236 -11.36 9.46 1.76
CA PHE A 236 -11.70 8.22 2.43
C PHE A 236 -12.94 8.37 3.31
N ALA A 237 -13.08 9.52 3.95
CA ALA A 237 -14.20 9.72 4.86
C ALA A 237 -15.50 9.70 4.09
N GLY A 238 -15.47 10.26 2.89
CA GLY A 238 -16.63 10.33 2.05
C GLY A 238 -17.09 8.96 1.58
N LEU A 239 -16.15 8.01 1.51
CA LEU A 239 -16.47 6.66 1.08
C LEU A 239 -16.91 5.78 2.26
N LEU A 240 -16.32 6.02 3.43
CA LEU A 240 -16.49 5.14 4.59
C LEU A 240 -17.47 5.61 5.64
N LEU A 241 -17.82 6.89 5.60
CA LEU A 241 -18.66 7.48 6.62
C LEU A 241 -19.90 8.15 6.04
N ASP A 242 -20.72 8.72 6.93
CA ASP A 242 -21.96 9.40 6.55
C ASP A 242 -22.74 8.72 5.43
N GLY A 243 -22.97 7.42 5.54
CA GLY A 243 -23.74 6.68 4.56
C GLY A 243 -23.07 6.54 3.21
N GLY A 244 -21.76 6.71 3.15
CA GLY A 244 -21.03 6.53 1.90
C GLY A 244 -21.10 5.09 1.41
N PRO A 245 -20.65 4.86 0.17
CA PRO A 245 -20.82 3.55 -0.48
C PRO A 245 -20.17 2.39 0.29
N PHE A 246 -19.15 2.68 1.11
CA PHE A 246 -18.47 1.63 1.86
C PHE A 246 -18.77 1.66 3.35
N ALA A 247 -19.76 2.46 3.73
CA ALA A 247 -20.11 2.55 5.14
C ALA A 247 -20.56 1.20 5.63
N GLY A 248 -19.93 0.73 6.71
CA GLY A 248 -20.28 -0.52 7.34
C GLY A 248 -19.88 -1.79 6.58
N ARG A 249 -19.10 -1.64 5.52
CA ARG A 249 -18.69 -2.81 4.74
C ARG A 249 -17.38 -3.47 5.18
N PHE A 250 -16.58 -2.75 5.95
CA PHE A 250 -15.36 -3.33 6.50
C PHE A 250 -15.52 -3.46 8.02
N ALA A 251 -14.86 -4.43 8.62
CA ALA A 251 -14.92 -4.58 10.08
C ALA A 251 -14.00 -3.60 10.78
N HIS A 252 -12.86 -3.32 10.16
CA HIS A 252 -11.83 -2.54 10.83
C HIS A 252 -11.00 -1.82 9.77
N VAL A 253 -10.88 -0.51 9.90
CA VAL A 253 -10.02 0.27 9.04
C VAL A 253 -9.05 1.05 9.90
N VAL A 254 -7.76 0.86 9.66
CA VAL A 254 -6.76 1.64 10.36
C VAL A 254 -6.15 2.65 9.41
N PHE A 255 -6.12 3.91 9.79
CA PHE A 255 -5.31 4.88 9.06
C PHE A 255 -3.99 4.96 9.79
N ALA A 256 -3.01 4.26 9.24
CA ALA A 256 -1.69 4.20 9.85
C ALA A 256 -0.85 5.30 9.24
N VAL A 257 -0.60 6.33 10.03
CA VAL A 257 0.08 7.51 9.52
C VAL A 257 1.28 7.83 10.40
N TRP A 258 2.42 7.22 10.08
CA TRP A 258 3.67 7.51 10.76
C TRP A 258 4.34 8.67 10.05
N ASP A 259 4.28 9.85 10.66
CA ASP A 259 4.83 11.05 10.04
C ASP A 259 6.10 11.51 10.75
N THR A 260 7.20 11.54 10.02
CA THR A 260 8.50 11.95 10.57
C THR A 260 8.62 13.47 10.69
N ALA A 261 8.08 14.19 9.72
CA ALA A 261 8.14 15.65 9.70
C ALA A 261 7.76 16.24 11.05
N PRO A 262 8.31 17.42 11.38
CA PRO A 262 7.90 18.11 12.61
C PRO A 262 6.44 18.52 12.55
N GLY A 263 5.71 18.35 13.66
CA GLY A 263 4.29 18.64 13.71
C GLY A 263 3.41 17.51 13.18
N ALA A 264 4.03 16.43 12.70
CA ALA A 264 3.31 15.30 12.10
C ALA A 264 2.00 15.74 11.44
N PRO A 265 2.10 16.53 10.36
CA PRO A 265 0.92 17.12 9.73
C PRO A 265 0.05 16.10 8.97
N ARG A 266 0.66 15.08 8.37
CA ARG A 266 -0.11 14.04 7.71
C ARG A 266 -1.00 13.35 8.73
N HIS A 267 -0.42 13.00 9.88
CA HIS A 267 -1.17 12.34 10.94
C HIS A 267 -2.28 13.25 11.47
N ALA A 268 -1.91 14.50 11.73
CA ALA A 268 -2.84 15.49 12.27
C ALA A 268 -4.13 15.62 11.46
N ALA A 269 -4.01 15.62 10.13
CA ALA A 269 -5.18 15.79 9.26
C ALA A 269 -6.16 14.61 9.36
N PHE A 270 -5.64 13.39 9.46
CA PHE A 270 -6.46 12.21 9.64
C PHE A 270 -7.06 12.11 11.04
N ALA A 271 -6.25 12.40 12.05
CA ALA A 271 -6.73 12.41 13.43
C ALA A 271 -7.92 13.36 13.54
N ARG A 272 -7.75 14.55 12.99
CA ARG A 272 -8.81 15.55 12.95
C ARG A 272 -10.09 15.02 12.27
N ARG A 273 -9.95 14.43 11.09
CA ARG A 273 -11.11 13.97 10.31
C ARG A 273 -11.72 12.68 10.89
N PHE A 274 -10.88 11.79 11.39
CA PHE A 274 -11.35 10.52 11.94
C PHE A 274 -11.10 10.44 13.45
#